data_3E12
#
_entry.id   3E12
#
_cell.length_a   84.747
_cell.length_b   84.747
_cell.length_c   160.309
_cell.angle_alpha   90.00
_cell.angle_beta   90.00
_cell.angle_gamma   120.00
#
_symmetry.space_group_name_H-M   'P 31 2 1'
#
loop_
_entity.id
_entity.type
_entity.pdbx_description
1 polymer '2-dehydro-3-deoxyphosphooctonate aldolase'
2 non-polymer 'COPPER (II) ION'
3 non-polymer 'PHOSPHATE ION'
4 non-polymer '3-deoxy-8-O-phosphono-D-manno-oct-2-ulosonic acid'
5 non-polymer 'ACETATE ION'
6 water water
#
_entity_poly.entity_id   1
_entity_poly.type   'polypeptide(L)'
_entity_poly.pdbx_seq_one_letter_code
;MEKFLVIAGPCAIESEELLLKVGEEIKRLSEKFKEVEFVFKSSFDKANRSSIHSFRGHGLEYGVKALRKVKEEFGLKITT
DIHESWQAEPVAEVADIIQIPAFLCRQTDLLLAAAKTGRAVNVKKGQFLAPWDTKNVVEKLKFGGAKEIYLTERGTTFGY
NNLVVDFRSLPIMKQWAKVIYDATHSVQLPGGLGDKSGGMREFIFPLIRAAVAVGCDGVFMETHPEPEKALSDASTQLPL
SQLEGIIEAILEIREVASKYYETIPVK
;
_entity_poly.pdbx_strand_id   A,B
#
# COMPACT_ATOMS: atom_id res chain seq x y z
N GLU A 2 2.50 5.79 -30.59
CA GLU A 2 2.95 4.38 -30.72
C GLU A 2 4.47 4.22 -30.87
N LYS A 3 5.22 5.28 -30.56
CA LYS A 3 6.60 5.10 -30.16
C LYS A 3 6.51 4.27 -28.88
N PHE A 4 7.30 3.21 -28.81
CA PHE A 4 7.31 2.38 -27.62
C PHE A 4 8.07 3.09 -26.51
N LEU A 5 7.60 3.04 -25.27
CA LEU A 5 8.30 3.68 -24.15
CA LEU A 5 8.32 3.66 -24.16
C LEU A 5 9.31 2.72 -23.53
N VAL A 6 10.52 3.20 -23.25
CA VAL A 6 11.45 2.48 -22.40
C VAL A 6 11.79 3.40 -21.24
N ILE A 7 11.34 3.00 -20.06
CA ILE A 7 11.67 3.75 -18.83
C ILE A 7 12.81 2.99 -18.19
N ALA A 8 13.95 3.68 -17.95
CA ALA A 8 15.17 3.00 -17.47
C ALA A 8 16.00 3.94 -16.64
N GLY A 9 16.75 3.39 -15.69
CA GLY A 9 17.67 4.19 -14.86
C GLY A 9 17.98 3.37 -13.63
N PRO A 10 18.81 3.91 -12.74
CA PRO A 10 19.15 3.23 -11.52
C PRO A 10 18.01 3.35 -10.52
N CYS A 11 17.79 2.31 -9.75
CA CYS A 11 16.67 2.26 -8.82
C CYS A 11 16.60 3.52 -7.94
N ALA A 12 17.71 3.83 -7.29
CA ALA A 12 17.82 4.93 -6.33
C ALA A 12 18.91 5.92 -6.77
N ILE A 13 18.71 7.18 -6.38
CA ILE A 13 19.69 8.26 -6.64
C ILE A 13 20.83 8.10 -5.62
N GLU A 14 21.73 7.16 -5.92
CA GLU A 14 22.85 6.90 -5.00
C GLU A 14 23.80 8.11 -4.97
N SER A 15 23.92 8.77 -6.11
CA SER A 15 24.72 9.98 -6.24
C SER A 15 24.37 10.60 -7.58
N GLU A 16 24.56 11.90 -7.71
CA GLU A 16 24.46 12.53 -9.02
C GLU A 16 25.40 11.89 -10.04
N GLU A 17 26.59 11.47 -9.60
CA GLU A 17 27.54 10.86 -10.51
C GLU A 17 27.03 9.56 -11.15
N LEU A 18 26.40 8.72 -10.34
CA LEU A 18 25.78 7.50 -10.85
C LEU A 18 24.77 7.85 -11.93
N LEU A 19 23.91 8.83 -11.64
CA LEU A 19 22.89 9.25 -12.61
C LEU A 19 23.47 9.66 -13.96
N LEU A 20 24.56 10.42 -13.94
CA LEU A 20 25.14 10.90 -15.18
C LEU A 20 25.80 9.77 -15.98
N LYS A 21 26.37 8.81 -15.28
CA LYS A 21 26.96 7.64 -15.95
C LYS A 21 25.88 6.82 -16.66
N VAL A 22 24.79 6.54 -15.95
CA VAL A 22 23.69 5.80 -16.58
C VAL A 22 23.05 6.67 -17.66
N GLY A 23 22.89 7.96 -17.39
CA GLY A 23 22.27 8.86 -18.34
C GLY A 23 23.00 8.91 -19.67
N GLU A 24 24.34 8.84 -19.60
CA GLU A 24 25.13 8.94 -20.81
C GLU A 24 24.82 7.74 -21.70
N GLU A 25 24.69 6.57 -21.09
CA GLU A 25 24.33 5.36 -21.84
C GLU A 25 22.91 5.40 -22.39
N ILE A 26 21.93 5.82 -21.58
CA ILE A 26 20.58 5.92 -22.11
C ILE A 26 20.50 6.94 -23.25
N LYS A 27 21.22 8.06 -23.13
CA LYS A 27 21.29 9.01 -24.23
C LYS A 27 21.87 8.33 -25.49
N ARG A 28 22.93 7.55 -25.33
CA ARG A 28 23.54 6.89 -26.49
C ARG A 28 22.53 5.94 -27.15
N LEU A 29 21.80 5.19 -26.32
CA LEU A 29 20.79 4.28 -26.85
C LEU A 29 19.62 5.02 -27.53
N SER A 30 19.31 6.20 -27.01
CA SER A 30 18.18 6.95 -27.55
C SER A 30 18.50 7.47 -28.96
N GLU A 31 19.79 7.63 -29.23
CA GLU A 31 20.24 8.08 -30.55
C GLU A 31 20.26 6.92 -31.55
N LYS A 32 20.47 5.72 -31.05
CA LYS A 32 20.41 4.51 -31.88
C LYS A 32 18.97 4.09 -32.15
N PHE A 33 18.22 3.87 -31.07
CA PHE A 33 16.85 3.42 -31.19
C PHE A 33 15.92 4.60 -31.29
N LYS A 34 15.90 5.25 -32.45
CA LYS A 34 15.09 6.45 -32.60
C LYS A 34 13.58 6.18 -32.50
N GLU A 35 13.14 4.92 -32.64
CA GLU A 35 11.71 4.59 -32.62
C GLU A 35 11.19 4.44 -31.19
N VAL A 36 12.08 4.56 -30.22
CA VAL A 36 11.73 4.43 -28.79
C VAL A 36 11.69 5.80 -28.12
N GLU A 37 10.73 6.03 -27.23
CA GLU A 37 10.82 7.17 -26.35
C GLU A 37 11.44 6.73 -25.02
N PHE A 38 12.63 7.20 -24.73
CA PHE A 38 13.30 6.88 -23.47
C PHE A 38 12.91 7.85 -22.39
N VAL A 39 12.66 7.32 -21.21
CA VAL A 39 12.39 8.19 -20.06
C VAL A 39 13.32 7.73 -18.97
N PHE A 40 14.11 8.67 -18.40
CA PHE A 40 15.09 8.29 -17.39
C PHE A 40 14.45 8.26 -16.00
N LYS A 41 14.63 7.16 -15.28
CA LYS A 41 14.02 6.98 -13.92
C LYS A 41 15.04 6.84 -12.83
N SER A 42 14.82 7.51 -11.70
CA SER A 42 15.51 7.19 -10.46
C SER A 42 14.75 7.78 -9.29
N SER A 43 14.71 7.05 -8.18
CA SER A 43 13.98 7.46 -6.96
C SER A 43 14.81 8.33 -6.04
N PHE A 44 14.30 9.51 -5.68
CA PHE A 44 14.99 10.35 -4.68
C PHE A 44 14.80 9.81 -3.26
N ASP A 45 13.81 8.93 -3.06
CA ASP A 45 13.57 8.29 -1.75
C ASP A 45 13.01 6.87 -1.95
N LYS A 46 13.60 5.91 -1.24
CA LYS A 46 13.03 4.59 -1.07
C LYS A 46 12.27 4.67 0.25
N ALA A 47 11.00 5.06 0.17
CA ALA A 47 10.22 5.41 1.34
C ALA A 47 9.55 4.22 2.01
N ASN A 48 9.71 3.03 1.42
CA ASN A 48 8.99 1.83 1.86
C ASN A 48 9.94 0.64 2.06
N ARG A 49 11.21 0.88 2.42
CA ARG A 49 12.14 -0.24 2.57
C ARG A 49 11.63 -1.13 3.70
N SER A 50 11.96 -2.43 3.66
CA SER A 50 11.58 -3.34 4.75
C SER A 50 12.25 -2.93 6.07
N SER A 51 13.54 -2.62 6.00
CA SER A 51 14.30 -2.33 7.20
C SER A 51 14.61 -0.84 7.44
N ILE A 52 14.51 -0.42 8.69
CA ILE A 52 14.92 0.91 9.11
C ILE A 52 16.41 1.15 8.79
N HIS A 53 17.19 0.08 8.62
CA HIS A 53 18.64 0.23 8.41
C HIS A 53 19.07 0.41 6.94
N SER A 54 18.14 0.16 6.02
CA SER A 54 18.42 0.21 4.59
C SER A 54 18.50 1.62 4.00
N PHE A 55 19.23 1.73 2.90
CA PHE A 55 19.37 3.00 2.20
C PHE A 55 18.02 3.55 1.74
N ARG A 56 17.78 4.83 2.03
CA ARG A 56 16.60 5.54 1.53
C ARG A 56 16.95 6.54 0.43
N GLY A 57 17.92 7.41 0.71
CA GLY A 57 18.36 8.34 -0.32
C GLY A 57 18.91 9.60 0.30
N HIS A 58 19.14 10.59 -0.54
CA HIS A 58 19.76 11.83 -0.10
C HIS A 58 18.83 13.01 0.00
N GLY A 59 17.53 12.74 -0.06
CA GLY A 59 16.50 13.78 0.11
C GLY A 59 15.94 14.28 -1.19
N LEU A 60 14.74 14.84 -1.13
CA LEU A 60 14.05 15.35 -2.30
C LEU A 60 14.83 16.46 -3.02
N GLU A 61 15.36 17.42 -2.27
CA GLU A 61 16.03 18.54 -2.93
CA GLU A 61 16.12 18.54 -2.86
C GLU A 61 17.24 18.04 -3.74
N TYR A 62 18.05 17.16 -3.15
CA TYR A 62 19.23 16.65 -3.82
C TYR A 62 18.83 15.86 -5.07
N GLY A 63 17.79 15.05 -4.92
CA GLY A 63 17.36 14.17 -6.01
C GLY A 63 16.81 14.92 -7.19
N VAL A 64 15.99 15.93 -6.93
CA VAL A 64 15.43 16.75 -8.01
C VAL A 64 16.57 17.48 -8.77
N LYS A 65 17.51 18.03 -8.02
CA LYS A 65 18.65 18.69 -8.61
C LYS A 65 19.44 17.71 -9.51
N ALA A 66 19.62 16.48 -9.02
CA ALA A 66 20.38 15.47 -9.76
C ALA A 66 19.64 15.06 -11.03
N LEU A 67 18.31 14.88 -10.91
CA LEU A 67 17.50 14.58 -12.08
C LEU A 67 17.50 15.74 -13.08
N ARG A 68 17.47 16.97 -12.57
CA ARG A 68 17.47 18.13 -13.45
C ARG A 68 18.80 18.16 -14.24
N LYS A 69 19.89 17.72 -13.61
CA LYS A 69 21.20 17.70 -14.28
C LYS A 69 21.19 16.66 -15.42
N VAL A 70 20.53 15.52 -15.21
CA VAL A 70 20.39 14.55 -16.29
C VAL A 70 19.58 15.15 -17.43
N LYS A 71 18.47 15.81 -17.12
CA LYS A 71 17.64 16.38 -18.17
C LYS A 71 18.40 17.47 -18.95
N GLU A 72 19.16 18.30 -18.25
CA GLU A 72 19.91 19.42 -18.86
CA GLU A 72 19.84 19.39 -18.92
C GLU A 72 21.05 18.90 -19.74
N GLU A 73 21.76 17.92 -19.21
CA GLU A 73 22.98 17.44 -19.87
C GLU A 73 22.66 16.55 -21.06
N PHE A 74 21.62 15.73 -20.93
CA PHE A 74 21.32 14.75 -21.96
C PHE A 74 20.02 14.94 -22.72
N GLY A 75 19.18 15.89 -22.30
CA GLY A 75 17.92 16.14 -22.99
C GLY A 75 16.92 14.99 -22.87
N LEU A 76 17.01 14.25 -21.77
CA LEU A 76 16.11 13.11 -21.58
C LEU A 76 14.93 13.50 -20.72
N LYS A 77 13.78 12.92 -21.03
CA LYS A 77 12.60 13.02 -20.15
C LYS A 77 12.88 12.31 -18.84
N ILE A 78 12.19 12.73 -17.80
CA ILE A 78 12.49 12.30 -16.43
C ILE A 78 11.25 11.72 -15.77
N THR A 79 11.42 10.64 -15.02
CA THR A 79 10.35 10.19 -14.11
C THR A 79 10.90 9.86 -12.74
N THR A 80 10.10 10.11 -11.69
CA THR A 80 10.46 9.69 -10.35
C THR A 80 9.16 9.49 -9.55
N ASP A 81 9.26 8.81 -8.42
CA ASP A 81 8.05 8.45 -7.65
C ASP A 81 7.83 9.42 -6.48
N ILE A 82 6.57 9.64 -6.14
CA ILE A 82 6.25 10.43 -4.95
C ILE A 82 5.53 9.60 -3.92
N HIS A 83 5.56 10.07 -2.67
CA HIS A 83 5.19 9.25 -1.51
C HIS A 83 4.14 9.90 -0.62
N GLU A 84 4.08 11.22 -0.66
CA GLU A 84 3.04 11.98 0.04
C GLU A 84 2.67 13.16 -0.83
N SER A 85 1.45 13.67 -0.64
CA SER A 85 0.85 14.64 -1.58
C SER A 85 1.71 15.90 -1.82
N TRP A 86 2.34 16.40 -0.75
CA TRP A 86 3.13 17.62 -0.83
C TRP A 86 4.31 17.53 -1.78
N GLN A 87 4.76 16.29 -2.10
CA GLN A 87 5.88 16.13 -3.01
C GLN A 87 5.55 16.36 -4.48
N ALA A 88 4.26 16.30 -4.84
CA ALA A 88 3.89 16.37 -6.27
C ALA A 88 4.35 17.68 -6.91
N GLU A 89 4.07 18.80 -6.24
CA GLU A 89 4.47 20.09 -6.80
C GLU A 89 5.98 20.24 -7.06
N PRO A 90 6.85 20.07 -6.05
CA PRO A 90 8.27 20.25 -6.34
C PRO A 90 8.78 19.24 -7.37
N VAL A 91 8.29 18.00 -7.27
CA VAL A 91 8.74 16.99 -8.21
C VAL A 91 8.31 17.30 -9.65
N ALA A 92 7.12 17.86 -9.83
CA ALA A 92 6.61 18.19 -11.16
C ALA A 92 7.47 19.24 -11.86
N GLU A 93 8.28 19.96 -11.11
CA GLU A 93 9.20 20.92 -11.74
C GLU A 93 10.19 20.24 -12.69
N VAL A 94 10.52 18.98 -12.42
CA VAL A 94 11.52 18.27 -13.24
C VAL A 94 10.94 17.03 -13.94
N ALA A 95 9.98 16.39 -13.29
CA ALA A 95 9.48 15.11 -13.84
C ALA A 95 8.41 15.25 -14.91
N ASP A 96 8.67 14.63 -16.07
CA ASP A 96 7.69 14.55 -17.14
C ASP A 96 6.57 13.58 -16.80
N ILE A 97 6.94 12.52 -16.07
CA ILE A 97 5.97 11.51 -15.63
C ILE A 97 6.14 11.34 -14.14
N ILE A 98 5.06 11.51 -13.40
CA ILE A 98 5.10 11.28 -11.95
C ILE A 98 4.64 9.83 -11.69
N GLN A 99 5.46 9.09 -10.95
CA GLN A 99 5.21 7.68 -10.68
C GLN A 99 4.56 7.54 -9.30
N ILE A 100 3.53 6.70 -9.25
CA ILE A 100 2.84 6.39 -7.99
C ILE A 100 3.23 4.99 -7.56
N PRO A 101 3.83 4.84 -6.38
CA PRO A 101 4.27 3.52 -5.91
C PRO A 101 3.07 2.52 -5.77
N ALA A 102 3.35 1.22 -5.93
CA ALA A 102 2.30 0.21 -5.95
C ALA A 102 1.48 0.16 -4.66
N PHE A 103 2.13 0.27 -3.51
CA PHE A 103 1.38 0.19 -2.26
C PHE A 103 0.45 1.40 -2.10
N LEU A 104 0.74 2.47 -2.83
CA LEU A 104 0.01 3.74 -2.67
C LEU A 104 -1.00 3.96 -3.80
N CYS A 105 -1.29 2.93 -4.62
CA CYS A 105 -2.10 3.11 -5.81
C CYS A 105 -3.57 3.42 -5.51
N ARG A 106 -3.98 3.25 -4.25
CA ARG A 106 -5.36 3.57 -3.85
C ARG A 106 -5.46 4.86 -3.05
N GLN A 107 -4.33 5.53 -2.80
CA GLN A 107 -4.33 6.76 -1.96
C GLN A 107 -4.82 7.95 -2.77
N THR A 108 -6.11 8.25 -2.60
CA THR A 108 -6.77 9.26 -3.41
C THR A 108 -6.04 10.60 -3.45
N ASP A 109 -5.58 11.08 -2.29
CA ASP A 109 -4.94 12.41 -2.25
C ASP A 109 -3.63 12.43 -3.06
N LEU A 110 -2.87 11.33 -3.03
CA LEU A 110 -1.61 11.28 -3.76
C LEU A 110 -1.88 11.30 -5.27
N LEU A 111 -2.86 10.50 -5.71
CA LEU A 111 -3.28 10.48 -7.11
CA LEU A 111 -3.26 10.49 -7.13
C LEU A 111 -3.74 11.88 -7.57
N LEU A 112 -4.60 12.53 -6.78
CA LEU A 112 -5.07 13.88 -7.16
C LEU A 112 -3.92 14.89 -7.17
N ALA A 113 -3.00 14.80 -6.21
CA ALA A 113 -1.87 15.71 -6.15
C ALA A 113 -1.07 15.60 -7.43
N ALA A 114 -0.82 14.35 -7.87
CA ALA A 114 -0.08 14.16 -9.12
C ALA A 114 -0.84 14.70 -10.32
N ALA A 115 -2.15 14.44 -10.37
CA ALA A 115 -2.93 14.75 -11.56
C ALA A 115 -3.01 16.26 -11.83
N LYS A 116 -3.10 17.06 -10.77
CA LYS A 116 -3.33 18.50 -10.95
C LYS A 116 -2.05 19.23 -11.37
N THR A 117 -0.90 18.54 -11.40
CA THR A 117 0.35 19.15 -11.84
C THR A 117 0.37 19.33 -13.35
N GLY A 118 -0.50 18.65 -14.10
CA GLY A 118 -0.44 18.64 -15.54
C GLY A 118 0.59 17.68 -16.14
N ARG A 119 1.34 16.99 -15.29
CA ARG A 119 2.31 15.98 -15.78
CA ARG A 119 2.31 15.99 -15.78
C ARG A 119 1.62 14.65 -16.07
N ALA A 120 2.26 13.80 -16.86
CA ALA A 120 1.75 12.45 -17.04
C ALA A 120 1.88 11.71 -15.72
N VAL A 121 1.00 10.73 -15.52
CA VAL A 121 1.01 9.94 -14.28
C VAL A 121 1.07 8.47 -14.60
N ASN A 122 2.01 7.78 -13.94
CA ASN A 122 2.17 6.33 -14.14
C ASN A 122 1.97 5.69 -12.78
N VAL A 123 0.90 4.89 -12.65
CA VAL A 123 0.60 4.21 -11.39
C VAL A 123 1.07 2.74 -11.46
N LYS A 124 1.93 2.36 -10.53
CA LYS A 124 2.26 0.94 -10.38
C LYS A 124 1.05 0.20 -9.81
N LYS A 125 0.62 -0.89 -10.47
CA LYS A 125 -0.50 -1.65 -9.96
C LYS A 125 -0.17 -2.36 -8.64
N GLY A 126 -0.95 -2.11 -7.60
CA GLY A 126 -0.68 -2.76 -6.31
C GLY A 126 -0.62 -4.28 -6.45
N GLN A 127 0.24 -4.89 -5.63
CA GLN A 127 0.34 -6.36 -5.57
C GLN A 127 -0.96 -7.01 -5.07
N PHE A 128 -1.85 -6.19 -4.50
CA PHE A 128 -3.14 -6.63 -4.01
C PHE A 128 -4.30 -6.39 -4.98
N LEU A 129 -4.05 -5.72 -6.10
CA LEU A 129 -5.14 -5.23 -6.93
C LEU A 129 -5.39 -6.17 -8.11
N ALA A 130 -6.66 -6.47 -8.38
CA ALA A 130 -7.03 -7.22 -9.60
C ALA A 130 -6.95 -6.30 -10.83
N PRO A 131 -6.63 -6.85 -12.01
CA PRO A 131 -6.46 -5.96 -13.18
C PRO A 131 -7.72 -5.13 -13.50
N TRP A 132 -8.92 -5.72 -13.33
CA TRP A 132 -10.13 -4.97 -13.61
C TRP A 132 -10.36 -3.85 -12.60
N ASP A 133 -9.72 -3.93 -11.44
CA ASP A 133 -9.89 -2.83 -10.49
C ASP A 133 -9.02 -1.57 -10.71
N THR A 134 -8.23 -1.59 -11.80
CA THR A 134 -7.50 -0.41 -12.19
C THR A 134 -8.41 0.60 -12.89
N LYS A 135 -9.61 0.18 -13.32
CA LYS A 135 -10.51 1.11 -14.00
C LYS A 135 -10.78 2.33 -13.10
N ASN A 136 -11.04 2.07 -11.82
CA ASN A 136 -11.31 3.17 -10.89
C ASN A 136 -10.09 4.03 -10.57
N VAL A 137 -8.88 3.46 -10.70
CA VAL A 137 -7.66 4.22 -10.47
C VAL A 137 -7.54 5.26 -11.61
N VAL A 138 -7.78 4.80 -12.84
CA VAL A 138 -7.77 5.69 -14.00
C VAL A 138 -8.87 6.75 -13.84
N GLU A 139 -10.04 6.37 -13.35
CA GLU A 139 -11.15 7.35 -13.22
C GLU A 139 -10.75 8.44 -12.24
N LYS A 140 -10.09 8.08 -11.13
CA LYS A 140 -9.63 9.08 -10.16
C LYS A 140 -8.65 10.06 -10.80
N LEU A 141 -7.67 9.54 -11.54
CA LEU A 141 -6.75 10.40 -12.23
C LEU A 141 -7.43 11.32 -13.26
N LYS A 142 -8.37 10.80 -14.04
CA LYS A 142 -9.07 11.63 -15.04
C LYS A 142 -9.86 12.74 -14.32
N PHE A 143 -10.52 12.36 -13.23
CA PHE A 143 -11.27 13.32 -12.39
C PHE A 143 -10.34 14.45 -11.89
N GLY A 144 -9.10 14.10 -11.57
CA GLY A 144 -8.12 15.07 -11.05
C GLY A 144 -7.35 15.88 -12.09
N GLY A 145 -7.67 15.65 -13.36
CA GLY A 145 -7.14 16.42 -14.49
C GLY A 145 -6.04 15.75 -15.31
N ALA A 146 -5.72 14.49 -15.00
CA ALA A 146 -4.62 13.86 -15.78
C ALA A 146 -5.07 13.53 -17.18
N LYS A 147 -4.22 13.83 -18.15
CA LYS A 147 -4.56 13.58 -19.56
C LYS A 147 -3.70 12.46 -20.17
N GLU A 148 -2.58 12.16 -19.52
CA GLU A 148 -1.67 11.11 -20.00
CA GLU A 148 -1.72 11.10 -19.99
C GLU A 148 -1.45 10.15 -18.82
N ILE A 149 -2.04 8.96 -18.91
CA ILE A 149 -2.04 8.01 -17.78
C ILE A 149 -1.47 6.68 -18.22
N TYR A 150 -0.59 6.14 -17.40
CA TYR A 150 -0.07 4.78 -17.59
C TYR A 150 -0.41 3.91 -16.39
N LEU A 151 -0.56 2.60 -16.63
CA LEU A 151 -0.67 1.61 -15.53
C LEU A 151 0.51 0.65 -15.73
N THR A 152 1.23 0.37 -14.65
CA THR A 152 2.38 -0.53 -14.72
C THR A 152 2.12 -1.86 -14.04
N GLU A 153 2.31 -2.94 -14.79
CA GLU A 153 2.26 -4.28 -14.25
C GLU A 153 3.55 -4.59 -13.51
N ARG A 154 3.46 -4.94 -12.23
CA ARG A 154 4.68 -5.27 -11.48
C ARG A 154 4.50 -6.50 -10.60
N GLY A 155 3.57 -7.39 -11.00
CA GLY A 155 3.38 -8.64 -10.29
C GLY A 155 2.31 -8.57 -9.20
N THR A 156 1.87 -9.74 -8.79
CA THR A 156 0.78 -9.86 -7.82
C THR A 156 1.17 -10.84 -6.71
N THR A 157 0.76 -10.55 -5.48
CA THR A 157 1.05 -11.43 -4.35
C THR A 157 0.61 -12.87 -4.61
N PHE A 158 1.56 -13.81 -4.46
CA PHE A 158 1.32 -15.19 -4.79
C PHE A 158 1.90 -16.00 -3.61
N GLY A 159 1.05 -16.25 -2.63
CA GLY A 159 1.53 -16.75 -1.35
C GLY A 159 2.52 -15.75 -0.74
N TYR A 160 3.45 -16.25 0.09
CA TYR A 160 4.37 -15.37 0.85
C TYR A 160 5.70 -15.18 0.13
N ASN A 161 6.20 -13.94 0.14
CA ASN A 161 7.54 -13.64 -0.42
C ASN A 161 7.68 -14.08 -1.88
N ASN A 162 6.64 -13.90 -2.68
CA ASN A 162 6.73 -14.30 -4.09
C ASN A 162 5.71 -13.47 -4.84
N LEU A 163 6.04 -13.06 -6.07
CA LEU A 163 5.08 -12.38 -6.95
C LEU A 163 4.97 -13.22 -8.20
N VAL A 164 3.78 -13.25 -8.79
CA VAL A 164 3.58 -13.85 -10.08
C VAL A 164 3.09 -12.76 -11.02
N VAL A 165 3.44 -12.88 -12.30
CA VAL A 165 2.90 -11.97 -13.31
C VAL A 165 1.80 -12.67 -14.07
N ASP A 166 0.58 -12.15 -13.92
CA ASP A 166 -0.55 -12.68 -14.68
C ASP A 166 -0.65 -11.86 -15.95
N PHE A 167 -0.14 -12.41 -17.05
CA PHE A 167 -0.11 -11.60 -18.29
C PHE A 167 -1.48 -11.30 -18.87
N ARG A 168 -2.54 -11.89 -18.34
CA ARG A 168 -3.89 -11.48 -18.76
C ARG A 168 -4.11 -10.03 -18.38
N SER A 169 -3.34 -9.54 -17.41
CA SER A 169 -3.54 -8.12 -16.98
C SER A 169 -3.25 -7.13 -18.09
N LEU A 170 -2.36 -7.46 -19.01
CA LEU A 170 -2.00 -6.48 -20.03
C LEU A 170 -3.19 -6.12 -20.94
N PRO A 171 -3.85 -7.10 -21.58
CA PRO A 171 -5.01 -6.70 -22.38
C PRO A 171 -6.18 -6.15 -21.54
N ILE A 172 -6.31 -6.62 -20.29
CA ILE A 172 -7.38 -6.02 -19.45
C ILE A 172 -7.16 -4.55 -19.16
N MET A 173 -5.95 -4.19 -18.70
CA MET A 173 -5.66 -2.78 -18.36
C MET A 173 -5.65 -1.86 -19.58
N LYS A 174 -5.32 -2.41 -20.74
CA LYS A 174 -5.28 -1.64 -21.98
CA LYS A 174 -5.28 -1.58 -21.94
C LYS A 174 -6.65 -1.03 -22.33
N GLN A 175 -7.71 -1.57 -21.76
CA GLN A 175 -9.05 -1.01 -22.01
C GLN A 175 -9.15 0.45 -21.52
N TRP A 176 -8.32 0.84 -20.54
CA TRP A 176 -8.49 2.18 -19.99
CA TRP A 176 -8.48 2.13 -19.85
C TRP A 176 -7.23 3.00 -19.81
N ALA A 177 -6.03 2.43 -20.07
CA ALA A 177 -4.82 3.25 -20.03
C ALA A 177 -3.73 2.62 -20.87
N LYS A 178 -2.67 3.37 -21.13
CA LYS A 178 -1.45 2.77 -21.70
C LYS A 178 -0.81 1.86 -20.62
N VAL A 179 -0.20 0.75 -21.06
CA VAL A 179 0.27 -0.23 -20.11
C VAL A 179 1.78 -0.42 -20.20
N ILE A 180 2.45 -0.35 -19.06
CA ILE A 180 3.92 -0.55 -19.00
C ILE A 180 4.17 -1.85 -18.26
N TYR A 181 5.13 -2.65 -18.74
CA TYR A 181 5.57 -3.83 -18.00
C TYR A 181 6.87 -3.53 -17.20
N ASP A 182 6.83 -3.75 -15.87
CA ASP A 182 8.00 -3.52 -14.98
C ASP A 182 8.81 -4.82 -14.92
N ALA A 183 9.90 -4.86 -15.68
CA ALA A 183 10.70 -6.08 -15.81
C ALA A 183 11.52 -6.39 -14.59
N THR A 184 11.79 -5.39 -13.75
CA THR A 184 12.68 -5.48 -12.61
C THR A 184 11.99 -5.94 -11.34
N HIS A 185 10.92 -5.26 -10.97
CA HIS A 185 10.33 -5.54 -9.67
C HIS A 185 9.34 -6.72 -9.72
N SER A 186 8.98 -7.19 -10.91
CA SER A 186 7.98 -8.24 -11.08
C SER A 186 8.54 -9.62 -10.69
N VAL A 187 9.86 -9.75 -10.65
CA VAL A 187 10.50 -11.01 -10.31
C VAL A 187 11.28 -10.85 -8.99
N GLN A 188 11.09 -9.72 -8.30
CA GLN A 188 11.69 -9.58 -6.98
CA GLN A 188 11.68 -9.56 -6.98
C GLN A 188 10.90 -10.40 -5.97
N LEU A 189 11.60 -11.05 -5.06
CA LEU A 189 10.91 -11.79 -4.01
C LEU A 189 10.81 -10.85 -2.80
N PRO A 190 9.59 -10.38 -2.48
CA PRO A 190 9.46 -9.36 -1.42
C PRO A 190 9.78 -9.92 -0.02
N GLY A 191 10.44 -9.10 0.81
CA GLY A 191 10.76 -9.51 2.19
C GLY A 191 11.78 -10.62 2.26
N GLY A 192 12.43 -10.90 1.14
CA GLY A 192 13.50 -11.88 1.09
C GLY A 192 12.97 -13.24 0.70
N GLY A 198 10.97 -18.68 -9.32
CA GLY A 198 12.30 -18.07 -9.28
C GLY A 198 12.50 -17.32 -7.97
N GLY A 199 13.44 -16.38 -7.95
CA GLY A 199 14.21 -16.01 -9.12
C GLY A 199 15.71 -15.89 -8.91
N MET A 200 16.24 -14.71 -9.24
CA MET A 200 15.40 -13.63 -9.75
C MET A 200 15.91 -13.08 -11.08
N ARG A 201 17.17 -12.61 -11.11
CA ARG A 201 17.71 -11.95 -12.32
C ARG A 201 17.54 -12.82 -13.58
N GLU A 202 17.65 -14.14 -13.41
CA GLU A 202 17.56 -15.05 -14.56
C GLU A 202 16.19 -15.01 -15.24
N PHE A 203 15.18 -14.50 -14.54
CA PHE A 203 13.84 -14.46 -15.15
C PHE A 203 13.50 -13.11 -15.77
N ILE A 204 14.34 -12.10 -15.59
CA ILE A 204 14.01 -10.76 -16.11
C ILE A 204 13.78 -10.76 -17.61
N PHE A 205 14.75 -11.25 -18.36
CA PHE A 205 14.63 -11.21 -19.83
C PHE A 205 13.53 -12.15 -20.37
N PRO A 206 13.44 -13.40 -19.90
CA PRO A 206 12.31 -14.18 -20.41
C PRO A 206 10.95 -13.50 -20.24
N LEU A 207 10.70 -12.92 -19.08
CA LEU A 207 9.38 -12.35 -18.88
CA LEU A 207 9.41 -12.28 -18.82
C LEU A 207 9.21 -11.02 -19.67
N ILE A 208 10.30 -10.29 -19.95
CA ILE A 208 10.17 -9.14 -20.86
C ILE A 208 9.73 -9.60 -22.24
N ARG A 209 10.29 -10.74 -22.68
CA ARG A 209 9.90 -11.27 -23.99
C ARG A 209 8.43 -11.61 -23.99
N ALA A 210 7.96 -12.19 -22.89
CA ALA A 210 6.53 -12.51 -22.80
C ALA A 210 5.71 -11.23 -22.92
N ALA A 211 6.09 -10.17 -22.19
CA ALA A 211 5.29 -8.94 -22.15
C ALA A 211 5.14 -8.31 -23.54
N VAL A 212 6.23 -8.25 -24.28
CA VAL A 212 6.13 -7.65 -25.61
CA VAL A 212 6.19 -7.67 -25.59
C VAL A 212 5.41 -8.57 -26.58
N ALA A 213 5.51 -9.88 -26.41
CA ALA A 213 4.75 -10.76 -27.31
C ALA A 213 3.25 -10.64 -27.04
N VAL A 214 2.88 -10.51 -25.78
CA VAL A 214 1.45 -10.28 -25.44
C VAL A 214 0.96 -8.95 -25.99
N GLY A 215 1.78 -7.91 -25.76
CA GLY A 215 1.59 -6.56 -26.25
C GLY A 215 1.46 -5.56 -25.11
N CYS A 216 2.36 -4.60 -25.09
CA CYS A 216 2.28 -3.51 -24.13
C CYS A 216 2.76 -2.23 -24.78
N ASP A 217 2.65 -1.11 -24.08
CA ASP A 217 3.00 0.19 -24.63
C ASP A 217 4.39 0.65 -24.19
N GLY A 218 5.00 -0.10 -23.29
CA GLY A 218 6.35 0.22 -22.87
C GLY A 218 6.87 -0.78 -21.85
N VAL A 219 8.17 -0.70 -21.59
CA VAL A 219 8.77 -1.51 -20.55
CA VAL A 219 8.82 -1.54 -20.58
C VAL A 219 9.59 -0.64 -19.63
N PHE A 220 9.58 -1.00 -18.35
CA PHE A 220 10.30 -0.32 -17.30
C PHE A 220 11.40 -1.28 -16.86
N MET A 221 12.65 -0.82 -16.86
CA MET A 221 13.79 -1.68 -16.53
CA MET A 221 13.71 -1.68 -16.40
C MET A 221 14.83 -0.87 -15.79
N GLU A 222 15.15 -1.26 -14.57
CA GLU A 222 16.21 -0.60 -13.82
C GLU A 222 17.57 -1.17 -14.15
N THR A 223 18.56 -0.31 -14.08
CA THR A 223 19.90 -0.68 -14.54
C THR A 223 20.95 0.07 -13.74
N HIS A 224 22.10 -0.58 -13.54
CA HIS A 224 23.17 -0.01 -12.70
C HIS A 224 24.46 -0.52 -13.31
N PRO A 225 25.53 0.29 -13.31
CA PRO A 225 26.77 -0.22 -13.89
C PRO A 225 27.26 -1.49 -13.18
N GLU A 226 27.01 -1.58 -11.88
CA GLU A 226 27.47 -2.71 -11.08
C GLU A 226 26.43 -3.09 -10.05
N PRO A 227 25.42 -3.87 -10.48
CA PRO A 227 24.26 -4.17 -9.68
C PRO A 227 24.59 -4.73 -8.29
N GLU A 228 25.63 -5.56 -8.20
CA GLU A 228 26.05 -6.17 -6.93
CA GLU A 228 25.94 -6.18 -6.92
C GLU A 228 26.27 -5.12 -5.85
N LYS A 229 26.64 -3.93 -6.29
CA LYS A 229 26.96 -2.84 -5.35
C LYS A 229 25.81 -1.87 -5.14
N ALA A 230 24.68 -2.11 -5.80
CA ALA A 230 23.57 -1.15 -5.68
C ALA A 230 23.03 -1.12 -4.26
N LEU A 231 22.44 0.02 -3.89
CA LEU A 231 22.03 0.25 -2.52
C LEU A 231 20.55 -0.09 -2.34
N SER A 232 19.91 -0.43 -3.45
CA SER A 232 18.53 -0.88 -3.42
CA SER A 232 18.52 -0.86 -3.45
C SER A 232 18.28 -1.80 -4.63
N ASP A 233 17.41 -2.80 -4.43
CA ASP A 233 17.07 -3.79 -5.46
C ASP A 233 18.31 -4.32 -6.19
N ALA A 234 19.36 -4.65 -5.43
CA ALA A 234 20.59 -5.13 -6.04
C ALA A 234 20.37 -6.43 -6.81
N SER A 235 19.47 -7.29 -6.33
CA SER A 235 19.26 -8.60 -7.00
C SER A 235 18.62 -8.52 -8.38
N THR A 236 17.94 -7.42 -8.69
CA THR A 236 17.23 -7.33 -9.96
C THR A 236 17.61 -6.21 -10.89
N GLN A 237 18.51 -5.31 -10.49
CA GLN A 237 18.93 -4.30 -11.45
CA GLN A 237 18.96 -4.29 -11.44
C GLN A 237 19.78 -4.94 -12.57
N LEU A 238 19.50 -4.59 -13.82
CA LEU A 238 20.29 -5.11 -14.96
C LEU A 238 21.65 -4.45 -15.08
N PRO A 239 22.71 -5.24 -15.36
CA PRO A 239 23.96 -4.53 -15.66
C PRO A 239 23.75 -3.59 -16.83
N LEU A 240 24.26 -2.37 -16.71
CA LEU A 240 24.15 -1.37 -17.76
C LEU A 240 24.61 -1.88 -19.12
N SER A 241 25.67 -2.68 -19.18
CA SER A 241 26.18 -3.16 -20.48
C SER A 241 25.20 -4.08 -21.20
N GLN A 242 24.23 -4.63 -20.48
CA GLN A 242 23.23 -5.52 -21.09
C GLN A 242 22.00 -4.79 -21.66
N LEU A 243 21.83 -3.51 -21.35
CA LEU A 243 20.60 -2.81 -21.75
C LEU A 243 20.39 -2.77 -23.27
N GLU A 244 21.46 -2.45 -24.02
CA GLU A 244 21.34 -2.36 -25.47
C GLU A 244 20.73 -3.62 -26.09
N GLY A 245 21.32 -4.77 -25.75
CA GLY A 245 20.89 -6.07 -26.30
C GLY A 245 19.45 -6.39 -25.97
N ILE A 246 19.05 -6.04 -24.74
CA ILE A 246 17.69 -6.33 -24.33
C ILE A 246 16.68 -5.44 -25.08
N ILE A 247 17.01 -4.15 -25.22
CA ILE A 247 16.17 -3.24 -26.00
C ILE A 247 16.05 -3.71 -27.44
N GLU A 248 17.17 -4.10 -28.05
CA GLU A 248 17.06 -4.62 -29.43
C GLU A 248 16.14 -5.84 -29.51
N ALA A 249 16.28 -6.79 -28.57
CA ALA A 249 15.40 -7.96 -28.55
C ALA A 249 13.93 -7.57 -28.42
N ILE A 250 13.60 -6.64 -27.54
N ILE A 250 13.68 -6.63 -27.50
CA ILE A 250 12.17 -6.37 -27.41
CA ILE A 250 12.32 -6.07 -27.28
C ILE A 250 11.62 -5.60 -28.63
C ILE A 250 11.71 -5.66 -28.59
N LEU A 251 12.45 -4.84 -29.32
CA LEU A 251 11.98 -4.21 -30.54
C LEU A 251 11.76 -5.27 -31.62
N GLU A 252 12.65 -6.26 -31.70
CA GLU A 252 12.46 -7.32 -32.70
C GLU A 252 11.21 -8.15 -32.45
N ILE A 253 11.00 -8.50 -31.18
CA ILE A 253 9.88 -9.36 -30.82
C ILE A 253 8.57 -8.59 -31.01
N ARG A 254 8.56 -7.31 -30.60
CA ARG A 254 7.41 -6.43 -30.81
C ARG A 254 7.03 -6.37 -32.28
N GLU A 255 8.03 -6.17 -33.14
CA GLU A 255 7.72 -6.03 -34.54
C GLU A 255 7.04 -7.30 -35.10
N VAL A 256 7.62 -8.47 -34.83
CA VAL A 256 7.07 -9.72 -35.37
C VAL A 256 5.72 -10.08 -34.76
N ALA A 257 5.53 -9.72 -33.48
CA ALA A 257 4.25 -10.01 -32.82
C ALA A 257 3.15 -9.03 -33.15
N SER A 258 3.52 -7.83 -33.57
CA SER A 258 2.58 -6.68 -33.63
C SER A 258 1.36 -6.90 -34.53
N LYS A 259 1.49 -7.63 -35.63
CA LYS A 259 0.32 -7.79 -36.51
C LYS A 259 -0.78 -8.59 -35.82
N TYR A 260 -0.43 -9.26 -34.73
CA TYR A 260 -1.34 -10.15 -34.01
C TYR A 260 -1.98 -9.52 -32.80
N TYR A 261 -1.54 -8.32 -32.46
CA TYR A 261 -2.04 -7.66 -31.24
C TYR A 261 -3.50 -7.39 -31.46
N GLU A 262 -4.32 -7.78 -30.49
CA GLU A 262 -5.77 -7.63 -30.62
C GLU A 262 -6.21 -6.19 -30.42
N THR A 263 -7.28 -5.80 -31.11
CA THR A 263 -7.80 -4.46 -30.97
C THR A 263 -8.57 -4.32 -29.66
N ILE A 264 -8.10 -3.42 -28.81
CA ILE A 264 -8.85 -2.92 -27.64
C ILE A 264 -8.68 -3.72 -26.35
N LYS B 3 -5.26 -6.37 30.20
CA LYS B 3 -6.67 -6.71 29.88
C LYS B 3 -6.81 -7.01 28.37
N PHE B 4 -7.71 -7.93 28.03
CA PHE B 4 -8.07 -8.18 26.62
C PHE B 4 -8.61 -6.88 26.01
N LEU B 5 -8.20 -6.58 24.79
CA LEU B 5 -8.63 -5.36 24.13
CA LEU B 5 -8.64 -5.36 24.12
C LEU B 5 -9.81 -5.61 23.20
N VAL B 6 -10.81 -4.75 23.26
CA VAL B 6 -11.86 -4.78 22.25
C VAL B 6 -11.88 -3.40 21.62
N ILE B 7 -11.54 -3.33 20.33
CA ILE B 7 -11.58 -2.07 19.61
C ILE B 7 -12.81 -2.08 18.76
N ALA B 8 -13.70 -1.10 18.94
CA ALA B 8 -14.98 -1.14 18.24
C ALA B 8 -15.51 0.25 18.02
N GLY B 9 -16.36 0.40 17.01
CA GLY B 9 -16.86 1.71 16.61
C GLY B 9 -17.31 1.65 15.17
N PRO B 10 -17.93 2.72 14.68
CA PRO B 10 -18.38 2.75 13.28
C PRO B 10 -17.19 3.01 12.37
N CYS B 11 -17.19 2.36 11.21
CA CYS B 11 -16.05 2.45 10.28
C CYS B 11 -15.62 3.91 10.06
N ALA B 12 -16.58 4.74 9.69
CA ALA B 12 -16.34 6.14 9.34
C ALA B 12 -17.12 7.10 10.26
N ILE B 13 -16.53 8.27 10.51
CA ILE B 13 -17.23 9.33 11.26
C ILE B 13 -18.28 9.94 10.36
N GLU B 14 -19.42 9.27 10.25
CA GLU B 14 -20.48 9.77 9.37
C GLU B 14 -21.09 11.05 9.95
N SER B 15 -21.13 11.11 11.27
CA SER B 15 -21.59 12.31 11.99
C SER B 15 -21.24 12.18 13.47
N GLU B 16 -21.11 13.31 14.15
CA GLU B 16 -20.90 13.27 15.59
C GLU B 16 -22.05 12.50 16.25
N GLU B 17 -23.25 12.67 15.71
CA GLU B 17 -24.44 11.97 16.19
C GLU B 17 -24.28 10.45 16.20
N LEU B 18 -23.77 9.91 15.10
CA LEU B 18 -23.53 8.47 15.01
C LEU B 18 -22.51 8.02 16.04
N LEU B 19 -21.43 8.78 16.22
CA LEU B 19 -20.41 8.41 17.18
C LEU B 19 -20.99 8.38 18.59
N LEU B 20 -21.86 9.33 18.90
CA LEU B 20 -22.41 9.37 20.25
C LEU B 20 -23.35 8.18 20.52
N LYS B 21 -24.16 7.81 19.54
CA LYS B 21 -25.01 6.64 19.69
C LYS B 21 -24.18 5.35 19.89
N VAL B 22 -23.20 5.15 19.02
CA VAL B 22 -22.34 3.98 19.17
C VAL B 22 -21.57 4.05 20.49
N GLY B 23 -21.02 5.23 20.81
CA GLY B 23 -20.23 5.44 22.02
C GLY B 23 -21.02 5.14 23.31
N GLU B 24 -22.31 5.39 23.26
CA GLU B 24 -23.18 5.14 24.42
C GLU B 24 -23.25 3.63 24.70
N GLU B 25 -23.36 2.84 23.64
CA GLU B 25 -23.41 1.40 23.77
C GLU B 25 -22.04 0.84 24.17
N ILE B 26 -20.97 1.37 23.57
CA ILE B 26 -19.66 0.90 23.95
CA ILE B 26 -19.64 0.93 23.95
C ILE B 26 -19.39 1.24 25.43
N LYS B 27 -19.86 2.40 25.88
CA LYS B 27 -19.70 2.74 27.29
C LYS B 27 -20.44 1.75 28.21
N ARG B 28 -21.68 1.44 27.84
CA ARG B 28 -22.49 0.51 28.61
C ARG B 28 -21.79 -0.86 28.69
N LEU B 29 -21.27 -1.32 27.54
CA LEU B 29 -20.56 -2.60 27.55
C LEU B 29 -19.31 -2.54 28.40
N SER B 30 -18.62 -1.40 28.39
CA SER B 30 -17.39 -1.25 29.15
C SER B 30 -17.70 -1.33 30.65
N GLU B 31 -18.91 -0.96 31.04
CA GLU B 31 -19.30 -1.04 32.47
C GLU B 31 -19.69 -2.47 32.85
N LYS B 32 -20.19 -3.20 31.86
CA LYS B 32 -20.65 -4.57 32.04
C LYS B 32 -19.48 -5.55 32.04
N PHE B 33 -18.47 -5.28 31.21
CA PHE B 33 -17.34 -6.20 31.06
C PHE B 33 -16.07 -5.54 31.56
N LYS B 34 -15.87 -5.53 32.88
CA LYS B 34 -14.80 -4.70 33.46
C LYS B 34 -13.40 -5.21 33.21
N GLU B 35 -13.29 -6.48 32.86
CA GLU B 35 -11.99 -7.06 32.60
C GLU B 35 -11.55 -6.85 31.14
N VAL B 36 -12.35 -6.15 30.36
CA VAL B 36 -11.98 -5.84 28.98
C VAL B 36 -11.63 -4.37 28.91
N GLU B 37 -10.59 -4.03 28.14
CA GLU B 37 -10.33 -2.64 27.84
C GLU B 37 -10.96 -2.31 26.49
N PHE B 38 -11.94 -1.42 26.50
CA PHE B 38 -12.54 -0.96 25.26
C PHE B 38 -11.81 0.26 24.70
N VAL B 39 -11.69 0.30 23.38
CA VAL B 39 -11.11 1.47 22.73
C VAL B 39 -12.09 1.77 21.60
N PHE B 40 -12.59 2.99 21.56
CA PHE B 40 -13.52 3.42 20.52
C PHE B 40 -12.78 3.81 19.22
N LYS B 41 -13.20 3.22 18.10
CA LYS B 41 -12.57 3.51 16.78
C LYS B 41 -13.54 4.17 15.81
N SER B 42 -13.07 5.19 15.12
CA SER B 42 -13.73 5.62 13.89
C SER B 42 -12.75 6.44 13.03
N SER B 43 -12.84 6.27 11.71
CA SER B 43 -11.94 6.95 10.78
C SER B 43 -12.43 8.35 10.41
N PHE B 44 -11.59 9.35 10.54
CA PHE B 44 -11.96 10.70 10.03
C PHE B 44 -11.89 10.79 8.51
N ASP B 45 -11.17 9.87 7.86
CA ASP B 45 -11.08 9.90 6.40
C ASP B 45 -10.92 8.47 5.89
N LYS B 46 -11.75 8.10 4.92
CA LYS B 46 -11.51 6.88 4.16
C LYS B 46 -10.67 7.36 2.96
N ALA B 47 -9.35 7.25 3.13
CA ALA B 47 -8.40 7.89 2.21
C ALA B 47 -8.06 7.01 0.99
N ASN B 48 -8.57 5.79 0.99
CA ASN B 48 -8.22 4.74 0.00
C ASN B 48 -9.44 4.06 -0.65
N ARG B 49 -10.57 4.77 -0.75
CA ARG B 49 -11.76 4.18 -1.36
C ARG B 49 -11.45 3.79 -2.79
N SER B 50 -12.12 2.77 -3.30
CA SER B 50 -11.90 2.41 -4.71
C SER B 50 -12.34 3.51 -5.66
N SER B 51 -13.52 4.08 -5.39
CA SER B 51 -14.11 5.08 -6.29
C SER B 51 -13.94 6.52 -5.82
N ILE B 52 -13.66 7.41 -6.75
CA ILE B 52 -13.60 8.86 -6.49
C ILE B 52 -14.95 9.39 -5.99
N HIS B 53 -16.02 8.67 -6.28
CA HIS B 53 -17.37 9.14 -5.90
C HIS B 53 -17.85 8.63 -4.52
N SER B 54 -17.07 7.79 -3.87
CA SER B 54 -17.44 7.21 -2.58
C SER B 54 -17.17 8.13 -1.39
N PHE B 55 -17.83 7.84 -0.27
CA PHE B 55 -17.68 8.63 0.94
C PHE B 55 -16.29 8.58 1.55
N ARG B 56 -15.73 9.76 1.83
CA ARG B 56 -14.45 9.86 2.54
C ARG B 56 -14.63 10.32 3.98
N GLY B 57 -15.42 11.37 4.16
CA GLY B 57 -15.60 11.92 5.52
C GLY B 57 -15.73 13.43 5.54
N HIS B 58 -15.67 13.99 6.75
CA HIS B 58 -15.91 15.43 6.98
C HIS B 58 -14.64 16.18 7.36
N GLY B 59 -13.49 15.54 7.14
CA GLY B 59 -12.24 16.21 7.42
C GLY B 59 -11.63 15.91 8.77
N LEU B 60 -10.33 16.12 8.88
CA LEU B 60 -9.64 15.78 10.08
C LEU B 60 -10.09 16.63 11.28
N GLU B 61 -10.31 17.92 11.07
CA GLU B 61 -10.73 18.78 12.19
C GLU B 61 -12.07 18.36 12.80
N TYR B 62 -13.07 18.17 11.95
CA TYR B 62 -14.39 17.70 12.39
C TYR B 62 -14.27 16.35 13.10
N GLY B 63 -13.46 15.47 12.53
CA GLY B 63 -13.36 14.12 13.08
C GLY B 63 -12.71 14.11 14.45
N VAL B 64 -11.61 14.86 14.60
CA VAL B 64 -10.90 14.92 15.86
C VAL B 64 -11.83 15.51 16.92
N LYS B 65 -12.62 16.50 16.53
CA LYS B 65 -13.58 17.14 17.44
C LYS B 65 -14.64 16.15 17.91
N ALA B 66 -15.21 15.40 16.96
CA ALA B 66 -16.23 14.41 17.29
C ALA B 66 -15.64 13.33 18.21
N LEU B 67 -14.42 12.87 17.91
CA LEU B 67 -13.78 11.87 18.76
C LEU B 67 -13.51 12.42 20.15
N ARG B 68 -13.17 13.70 20.22
CA ARG B 68 -12.97 14.36 21.51
CA ARG B 68 -12.99 14.42 21.49
C ARG B 68 -14.28 14.34 22.31
N LYS B 69 -15.39 14.55 21.63
CA LYS B 69 -16.69 14.50 22.28
C LYS B 69 -16.95 13.12 22.90
N VAL B 70 -16.64 12.06 22.14
CA VAL B 70 -16.80 10.70 22.64
C VAL B 70 -15.91 10.49 23.88
N LYS B 71 -14.66 10.92 23.82
CA LYS B 71 -13.77 10.68 24.95
C LYS B 71 -14.25 11.44 26.18
N GLU B 72 -14.77 12.64 25.96
CA GLU B 72 -15.19 13.52 27.05
C GLU B 72 -16.51 13.04 27.66
N GLU B 73 -17.47 12.75 26.81
CA GLU B 73 -18.78 12.32 27.27
C GLU B 73 -18.76 10.95 27.95
N PHE B 74 -17.91 10.04 27.47
CA PHE B 74 -17.94 8.65 27.94
C PHE B 74 -16.68 8.16 28.62
N GLY B 75 -15.60 8.93 28.55
CA GLY B 75 -14.35 8.54 29.20
C GLY B 75 -13.73 7.29 28.56
N LEU B 76 -14.00 7.12 27.27
CA LEU B 76 -13.45 6.01 26.46
C LEU B 76 -12.12 6.37 25.79
N LYS B 77 -11.18 5.43 25.76
CA LYS B 77 -9.97 5.56 24.94
C LYS B 77 -10.36 5.62 23.46
N ILE B 78 -9.50 6.24 22.64
CA ILE B 78 -9.84 6.54 21.25
C ILE B 78 -8.75 6.02 20.31
N THR B 79 -9.15 5.52 19.15
CA THR B 79 -8.19 5.21 18.11
C THR B 79 -8.76 5.68 16.76
N THR B 80 -7.89 6.13 15.87
CA THR B 80 -8.27 6.44 14.50
C THR B 80 -7.00 6.26 13.66
N ASP B 81 -7.19 6.13 12.35
CA ASP B 81 -6.04 5.91 11.46
C ASP B 81 -5.50 7.20 10.83
N ILE B 82 -4.22 7.22 10.50
CA ILE B 82 -3.64 8.36 9.79
C ILE B 82 -3.17 7.92 8.40
N HIS B 83 -3.01 8.90 7.50
CA HIS B 83 -2.73 8.56 6.09
C HIS B 83 -1.51 9.25 5.53
N GLU B 84 -1.10 10.34 6.14
CA GLU B 84 0.16 11.01 5.80
C GLU B 84 0.78 11.54 7.09
N SER B 85 2.10 11.72 7.07
CA SER B 85 2.87 11.95 8.31
C SER B 85 2.39 13.17 9.09
N TRP B 86 2.03 14.21 8.39
CA TRP B 86 1.61 15.45 9.06
C TRP B 86 0.40 15.27 9.98
N GLN B 87 -0.40 14.25 9.70
CA GLN B 87 -1.59 14.01 10.48
C GLN B 87 -1.34 13.45 11.89
N ALA B 88 -0.16 12.88 12.13
CA ALA B 88 0.09 12.21 13.42
C ALA B 88 -0.07 13.18 14.59
N GLU B 89 0.54 14.34 14.49
CA GLU B 89 0.52 15.25 15.65
C GLU B 89 -0.88 15.73 16.02
N PRO B 90 -1.65 16.28 15.06
CA PRO B 90 -3.00 16.69 15.49
C PRO B 90 -3.87 15.53 15.98
N VAL B 91 -3.76 14.37 15.33
CA VAL B 91 -4.53 13.22 15.78
C VAL B 91 -4.17 12.76 17.21
N ALA B 92 -2.89 12.78 17.53
CA ALA B 92 -2.38 12.34 18.83
C ALA B 92 -2.97 13.16 19.99
N GLU B 93 -3.51 14.33 19.70
CA GLU B 93 -4.19 15.13 20.73
C GLU B 93 -5.37 14.39 21.33
N VAL B 94 -6.04 13.56 20.52
CA VAL B 94 -7.20 12.84 21.02
C VAL B 94 -6.99 11.31 21.00
N ALA B 95 -6.17 10.82 20.08
CA ALA B 95 -6.06 9.36 19.94
C ALA B 95 -5.07 8.70 20.89
N ASP B 96 -5.55 7.74 21.69
CA ASP B 96 -4.67 6.98 22.56
C ASP B 96 -3.84 5.98 21.77
N ILE B 97 -4.43 5.49 20.68
CA ILE B 97 -3.74 4.55 19.79
C ILE B 97 -3.85 5.10 18.37
N ILE B 98 -2.72 5.22 17.69
CA ILE B 98 -2.73 5.70 16.30
C ILE B 98 -2.67 4.47 15.41
N GLN B 99 -3.60 4.38 14.47
CA GLN B 99 -3.72 3.19 13.58
C GLN B 99 -3.06 3.50 12.25
N ILE B 100 -2.27 2.54 11.74
CA ILE B 100 -1.62 2.69 10.43
C ILE B 100 -2.37 1.74 9.47
N PRO B 101 -2.91 2.28 8.34
CA PRO B 101 -3.64 1.44 7.40
C PRO B 101 -2.76 0.38 6.76
N ALA B 102 -3.38 -0.74 6.37
CA ALA B 102 -2.65 -1.90 5.86
C ALA B 102 -1.80 -1.58 4.62
N PHE B 103 -2.36 -0.80 3.70
CA PHE B 103 -1.59 -0.49 2.49
C PHE B 103 -0.35 0.34 2.82
N LEU B 104 -0.39 1.03 3.97
CA LEU B 104 0.67 1.97 4.37
C LEU B 104 1.63 1.40 5.41
N CYS B 105 1.56 0.08 5.67
CA CYS B 105 2.37 -0.54 6.74
C CYS B 105 3.88 -0.51 6.49
N ARG B 106 4.31 -0.23 5.27
CA ARG B 106 5.72 -0.14 4.95
C ARG B 106 6.23 1.31 4.81
N GLN B 107 5.34 2.30 4.97
CA GLN B 107 5.72 3.71 4.80
C GLN B 107 6.46 4.23 6.03
N THR B 108 7.78 4.18 5.96
CA THR B 108 8.66 4.48 7.09
C THR B 108 8.30 5.81 7.77
N ASP B 109 8.16 6.87 6.98
CA ASP B 109 7.85 8.18 7.60
C ASP B 109 6.51 8.22 8.37
N LEU B 110 5.50 7.50 7.89
CA LEU B 110 4.21 7.49 8.57
C LEU B 110 4.38 6.80 9.92
N LEU B 111 5.06 5.66 9.91
CA LEU B 111 5.32 4.91 11.13
C LEU B 111 6.13 5.76 12.12
N LEU B 112 7.17 6.41 11.63
CA LEU B 112 8.02 7.21 12.54
C LEU B 112 7.25 8.40 13.09
N ALA B 113 6.40 9.00 12.25
CA ALA B 113 5.56 10.15 12.67
C ALA B 113 4.60 9.73 13.79
N ALA B 114 3.98 8.55 13.63
CA ALA B 114 3.09 8.03 14.66
C ALA B 114 3.88 7.75 15.96
N ALA B 115 5.07 7.17 15.84
CA ALA B 115 5.88 6.80 17.01
C ALA B 115 6.31 8.07 17.76
N LYS B 116 6.64 9.10 17.02
CA LYS B 116 7.15 10.36 17.61
C LYS B 116 6.15 11.02 18.57
N THR B 117 4.86 10.76 18.39
CA THR B 117 3.81 11.40 19.19
C THR B 117 3.76 10.89 20.63
N GLY B 118 4.45 9.78 20.90
CA GLY B 118 4.41 9.09 22.19
C GLY B 118 3.15 8.27 22.46
N ARG B 119 2.23 8.19 21.48
CA ARG B 119 1.02 7.36 21.63
C ARG B 119 1.33 5.91 21.26
N ALA B 120 0.44 4.99 21.64
CA ALA B 120 0.56 3.61 21.19
C ALA B 120 0.31 3.62 19.66
N VAL B 121 0.86 2.61 18.99
CA VAL B 121 0.64 2.51 17.55
C VAL B 121 0.19 1.10 17.20
N ASN B 122 -0.86 1.02 16.37
CA ASN B 122 -1.40 -0.29 15.94
C ASN B 122 -1.26 -0.32 14.41
N VAL B 123 -0.46 -1.25 13.90
CA VAL B 123 -0.25 -1.34 12.44
C VAL B 123 -1.09 -2.47 11.86
N LYS B 124 -1.97 -2.15 10.90
CA LYS B 124 -2.68 -3.19 10.14
C LYS B 124 -1.67 -3.90 9.23
N LYS B 125 -1.63 -5.24 9.29
CA LYS B 125 -0.68 -5.98 8.45
C LYS B 125 -1.13 -5.95 7.00
N GLY B 126 -0.26 -5.47 6.11
CA GLY B 126 -0.63 -5.41 4.69
C GLY B 126 -1.04 -6.75 4.15
N GLN B 127 -1.97 -6.73 3.21
CA GLN B 127 -2.47 -7.94 2.54
C GLN B 127 -1.36 -8.58 1.71
N PHE B 128 -0.26 -7.85 1.54
CA PHE B 128 0.94 -8.33 0.78
C PHE B 128 2.06 -8.85 1.69
N LEU B 129 1.93 -8.67 3.00
CA LEU B 129 3.01 -8.99 3.92
C LEU B 129 2.94 -10.41 4.48
N ALA B 130 4.09 -11.07 4.59
CA ALA B 130 4.11 -12.36 5.31
C ALA B 130 4.23 -12.09 6.81
N PRO B 131 3.74 -13.01 7.65
CA PRO B 131 3.74 -12.72 9.12
C PRO B 131 5.14 -12.46 9.65
N TRP B 132 6.13 -13.22 9.17
CA TRP B 132 7.50 -12.95 9.63
C TRP B 132 8.06 -11.59 9.19
N ASP B 133 7.46 -10.98 8.14
CA ASP B 133 7.88 -9.71 7.58
C ASP B 133 7.50 -8.58 8.57
N THR B 134 6.72 -8.87 9.62
CA THR B 134 6.25 -7.82 10.50
C THR B 134 7.30 -7.47 11.57
N LYS B 135 8.27 -8.34 11.76
CA LYS B 135 9.35 -8.00 12.70
C LYS B 135 9.98 -6.65 12.38
N ASN B 136 10.23 -6.40 11.09
CA ASN B 136 10.85 -5.14 10.66
C ASN B 136 9.95 -3.92 10.88
N VAL B 137 8.62 -4.11 10.80
CA VAL B 137 7.66 -3.06 11.10
C VAL B 137 7.81 -2.61 12.57
N VAL B 138 7.88 -3.59 13.47
CA VAL B 138 8.03 -3.32 14.89
C VAL B 138 9.35 -2.61 15.15
N GLU B 139 10.41 -3.10 14.50
CA GLU B 139 11.72 -2.46 14.64
C GLU B 139 11.73 -0.99 14.22
N LYS B 140 11.07 -0.62 13.11
CA LYS B 140 10.93 0.81 12.79
C LYS B 140 10.27 1.59 13.92
N LEU B 141 9.19 1.04 14.45
CA LEU B 141 8.43 1.76 15.47
C LEU B 141 9.25 1.90 16.75
N LYS B 142 9.98 0.86 17.13
CA LYS B 142 10.88 0.98 18.29
C LYS B 142 11.96 2.05 18.06
N PHE B 143 12.54 2.04 16.88
CA PHE B 143 13.54 3.05 16.51
C PHE B 143 12.96 4.45 16.66
N GLY B 144 11.68 4.64 16.34
CA GLY B 144 11.05 5.95 16.41
C GLY B 144 10.52 6.33 17.78
N GLY B 145 10.70 5.44 18.75
CA GLY B 145 10.40 5.73 20.14
C GLY B 145 9.14 5.10 20.71
N ALA B 146 8.43 4.32 19.90
CA ALA B 146 7.21 3.70 20.33
C ALA B 146 7.47 2.62 21.38
N LYS B 147 6.60 2.59 22.37
CA LYS B 147 6.68 1.64 23.47
C LYS B 147 5.53 0.63 23.47
N GLU B 148 4.34 1.07 23.07
CA GLU B 148 3.16 0.21 23.06
CA GLU B 148 3.18 0.18 23.05
C GLU B 148 2.80 -0.06 21.60
N ILE B 149 3.06 -1.27 21.12
CA ILE B 149 2.92 -1.57 19.68
C ILE B 149 2.00 -2.78 19.49
N TYR B 150 1.05 -2.64 18.56
CA TYR B 150 0.13 -3.73 18.16
C TYR B 150 0.30 -3.99 16.68
N LEU B 151 0.08 -5.25 16.30
CA LEU B 151 0.00 -5.66 14.87
C LEU B 151 -1.38 -6.26 14.72
N THR B 152 -2.10 -5.88 13.65
CA THR B 152 -3.45 -6.38 13.44
C THR B 152 -3.51 -7.28 12.21
N GLU B 153 -4.00 -8.48 12.43
CA GLU B 153 -4.28 -9.42 11.34
C GLU B 153 -5.55 -8.97 10.62
N ARG B 154 -5.48 -8.76 9.30
CA ARG B 154 -6.66 -8.37 8.54
C ARG B 154 -6.82 -9.09 7.22
N GLY B 155 -6.19 -10.26 7.13
CA GLY B 155 -6.32 -11.10 5.90
C GLY B 155 -5.15 -10.88 4.93
N THR B 156 -5.03 -11.82 3.98
CA THR B 156 -3.92 -11.80 3.02
C THR B 156 -4.49 -12.06 1.64
N THR B 157 -3.91 -11.40 0.65
CA THR B 157 -4.37 -11.54 -0.74
C THR B 157 -4.39 -13.00 -1.14
N PHE B 158 -5.53 -13.44 -1.66
CA PHE B 158 -5.70 -14.83 -2.03
C PHE B 158 -6.37 -14.87 -3.41
N GLY B 159 -5.55 -14.84 -4.44
CA GLY B 159 -6.06 -14.59 -5.81
C GLY B 159 -6.68 -13.20 -5.86
N TYR B 160 -7.68 -13.00 -6.73
CA TYR B 160 -8.30 -11.67 -6.91
C TYR B 160 -9.56 -11.51 -6.08
N ASN B 161 -9.73 -10.33 -5.52
CA ASN B 161 -10.98 -9.96 -4.85
C ASN B 161 -11.37 -10.89 -3.71
N ASN B 162 -10.35 -11.35 -3.00
CA ASN B 162 -10.54 -12.28 -1.88
C ASN B 162 -9.40 -12.18 -0.91
N LEU B 163 -9.74 -12.26 0.37
CA LEU B 163 -8.70 -12.34 1.41
C LEU B 163 -8.90 -13.63 2.17
N VAL B 164 -7.79 -14.22 2.58
CA VAL B 164 -7.83 -15.37 3.47
C VAL B 164 -7.14 -15.00 4.77
N VAL B 165 -7.63 -15.56 5.89
CA VAL B 165 -6.93 -15.40 7.18
C VAL B 165 -6.11 -16.65 7.44
N ASP B 166 -4.79 -16.47 7.42
CA ASP B 166 -3.89 -17.54 7.80
C ASP B 166 -3.64 -17.46 9.32
N PHE B 167 -4.32 -18.30 10.09
CA PHE B 167 -4.24 -18.16 11.58
C PHE B 167 -2.89 -18.51 12.12
N ARG B 168 -2.00 -19.09 11.30
CA ARG B 168 -0.60 -19.21 11.72
C ARG B 168 0.05 -17.86 12.05
N SER B 169 -0.47 -16.75 11.50
CA SER B 169 0.14 -15.45 11.71
C SER B 169 0.03 -15.02 13.18
N LEU B 170 -0.97 -15.51 13.89
CA LEU B 170 -1.19 -15.01 15.26
C LEU B 170 0.00 -15.38 16.16
N PRO B 171 0.35 -16.67 16.23
CA PRO B 171 1.50 -17.00 17.05
C PRO B 171 2.82 -16.45 16.51
N ILE B 172 2.95 -16.33 15.19
CA ILE B 172 4.17 -15.76 14.64
C ILE B 172 4.35 -14.28 15.04
N MET B 173 3.31 -13.47 14.88
CA MET B 173 3.42 -12.04 15.17
C MET B 173 3.56 -11.79 16.68
N LYS B 174 3.05 -12.71 17.49
CA LYS B 174 3.10 -12.54 18.95
C LYS B 174 4.54 -12.53 19.45
N GLN B 175 5.46 -13.00 18.63
CA GLN B 175 6.88 -12.98 19.03
C GLN B 175 7.40 -11.57 19.24
N TRP B 176 6.79 -10.58 18.58
CA TRP B 176 7.35 -9.24 18.63
CA TRP B 176 7.33 -9.22 18.50
C TRP B 176 6.38 -8.11 18.93
N ALA B 177 5.08 -8.41 18.96
CA ALA B 177 4.12 -7.41 19.37
C ALA B 177 2.85 -8.03 19.94
N LYS B 178 2.00 -7.19 20.50
CA LYS B 178 0.66 -7.63 20.87
C LYS B 178 -0.12 -7.74 19.57
N VAL B 179 -0.98 -8.77 19.48
CA VAL B 179 -1.67 -9.06 18.23
C VAL B 179 -3.18 -8.84 18.36
N ILE B 180 -3.77 -8.11 17.42
CA ILE B 180 -5.20 -7.88 17.39
C ILE B 180 -5.76 -8.60 16.15
N TYR B 181 -6.94 -9.19 16.27
CA TYR B 181 -7.60 -9.76 15.08
C TYR B 181 -8.70 -8.81 14.58
N ASP B 182 -8.59 -8.36 13.33
CA ASP B 182 -9.63 -7.52 12.72
C ASP B 182 -10.74 -8.45 12.16
N ALA B 183 -11.88 -8.47 12.83
CA ALA B 183 -12.97 -9.38 12.50
C ALA B 183 -13.80 -8.92 11.29
N THR B 184 -13.72 -7.61 11.03
CA THR B 184 -14.54 -6.91 10.04
C THR B 184 -13.91 -6.97 8.64
N HIS B 185 -12.68 -6.49 8.51
CA HIS B 185 -12.09 -6.31 7.15
C HIS B 185 -11.45 -7.58 6.61
N SER B 186 -11.38 -8.63 7.42
CA SER B 186 -10.67 -9.87 7.10
C SER B 186 -11.48 -10.78 6.20
N VAL B 187 -12.77 -10.47 6.07
CA VAL B 187 -13.73 -11.28 5.31
C VAL B 187 -14.40 -10.30 4.34
N GLN B 188 -13.91 -9.05 4.32
CA GLN B 188 -14.28 -8.09 3.28
CA GLN B 188 -14.28 -8.07 3.30
C GLN B 188 -13.66 -8.54 1.97
N LEU B 189 -14.48 -8.68 0.94
CA LEU B 189 -13.89 -9.06 -0.33
C LEU B 189 -13.56 -7.75 -1.10
N PRO B 190 -12.26 -7.49 -1.37
CA PRO B 190 -11.84 -6.17 -1.92
C PRO B 190 -12.19 -5.99 -3.41
N GLY B 191 -12.47 -4.74 -3.80
CA GLY B 191 -12.65 -4.41 -5.23
C GLY B 191 -14.06 -4.59 -5.81
N GLY B 198 -15.13 -16.23 -0.46
CA GLY B 198 -16.55 -16.19 -0.05
C GLY B 198 -16.85 -14.97 0.82
N GLY B 199 -18.14 -14.72 1.11
CA GLY B 199 -18.53 -13.61 2.01
C GLY B 199 -20.01 -13.33 2.30
N MET B 200 -20.24 -12.44 3.26
CA MET B 200 -19.16 -11.87 4.05
C MET B 200 -19.57 -11.84 5.53
N ARG B 201 -20.68 -11.17 5.83
CA ARG B 201 -21.07 -10.99 7.25
C ARG B 201 -21.23 -12.32 8.02
N GLU B 202 -21.73 -13.32 7.32
CA GLU B 202 -21.94 -14.63 7.94
C GLU B 202 -20.65 -15.27 8.50
N PHE B 203 -19.49 -14.79 8.03
CA PHE B 203 -18.23 -15.38 8.49
C PHE B 203 -17.56 -14.61 9.61
N ILE B 204 -18.10 -13.43 9.95
CA ILE B 204 -17.45 -12.61 10.97
C ILE B 204 -17.32 -13.36 12.32
N PHE B 205 -18.46 -13.82 12.85
CA PHE B 205 -18.46 -14.44 14.19
C PHE B 205 -17.67 -15.75 14.20
N PRO B 206 -17.88 -16.63 13.21
CA PRO B 206 -17.08 -17.85 13.24
C PRO B 206 -15.57 -17.56 13.26
N LEU B 207 -15.10 -16.60 12.47
CA LEU B 207 -13.66 -16.35 12.47
C LEU B 207 -13.12 -15.63 13.74
N ILE B 208 -13.96 -14.84 14.38
N ILE B 208 -13.97 -14.81 14.36
CA ILE B 208 -13.56 -14.26 15.65
CA ILE B 208 -13.63 -14.28 15.70
C ILE B 208 -13.47 -15.36 16.75
C ILE B 208 -13.37 -15.45 16.65
N ARG B 209 -14.32 -16.39 16.65
CA ARG B 209 -14.19 -17.55 17.55
C ARG B 209 -12.85 -18.23 17.31
N ALA B 210 -12.48 -18.43 16.04
CA ALA B 210 -11.18 -19.01 15.71
C ALA B 210 -10.02 -18.19 16.33
N ALA B 211 -10.07 -16.87 16.19
CA ALA B 211 -8.98 -15.99 16.63
C ALA B 211 -8.75 -16.15 18.13
N VAL B 212 -9.84 -16.19 18.88
CA VAL B 212 -9.73 -16.28 20.34
CA VAL B 212 -9.71 -16.28 20.32
C VAL B 212 -9.29 -17.69 20.76
N ALA B 213 -9.71 -18.70 20.00
CA ALA B 213 -9.30 -20.05 20.32
C ALA B 213 -7.81 -20.24 20.07
N VAL B 214 -7.30 -19.63 18.98
CA VAL B 214 -5.86 -19.66 18.69
C VAL B 214 -5.07 -18.86 19.73
N GLY B 215 -5.57 -17.68 20.00
CA GLY B 215 -4.97 -16.79 21.02
C GLY B 215 -4.52 -15.48 20.42
N CYS B 216 -5.12 -14.38 20.88
CA CYS B 216 -4.73 -13.04 20.50
C CYS B 216 -4.87 -12.10 21.70
N ASP B 217 -4.42 -10.88 21.53
CA ASP B 217 -4.46 -9.90 22.62
C ASP B 217 -5.68 -9.02 22.56
N GLY B 218 -6.41 -9.11 21.45
CA GLY B 218 -7.63 -8.34 21.36
C GLY B 218 -8.31 -8.53 20.01
N VAL B 219 -9.53 -8.01 19.90
CA VAL B 219 -10.30 -8.08 18.68
CA VAL B 219 -10.27 -8.06 18.65
C VAL B 219 -10.75 -6.68 18.26
N PHE B 220 -10.80 -6.45 16.95
CA PHE B 220 -11.17 -5.21 16.36
C PHE B 220 -12.46 -5.53 15.61
N MET B 221 -13.53 -4.82 15.91
CA MET B 221 -14.77 -5.08 15.20
CA MET B 221 -14.80 -5.10 15.25
C MET B 221 -15.62 -3.84 15.05
N GLU B 222 -15.93 -3.53 13.80
CA GLU B 222 -16.73 -2.35 13.49
C GLU B 222 -18.20 -2.63 13.60
N THR B 223 -18.94 -1.60 13.99
CA THR B 223 -20.33 -1.75 14.34
C THR B 223 -21.10 -0.49 13.94
N HIS B 224 -22.36 -0.66 13.56
CA HIS B 224 -23.22 0.46 13.17
C HIS B 224 -24.66 0.10 13.55
N PRO B 225 -25.44 1.10 13.98
CA PRO B 225 -26.81 0.81 14.36
C PRO B 225 -27.60 0.21 13.19
N GLU B 226 -27.35 0.68 11.97
CA GLU B 226 -27.99 0.08 10.80
C GLU B 226 -26.99 -0.12 9.67
N PRO B 227 -26.24 -1.24 9.71
CA PRO B 227 -25.17 -1.49 8.75
C PRO B 227 -25.51 -1.24 7.27
N GLU B 228 -26.71 -1.61 6.84
CA GLU B 228 -27.06 -1.45 5.42
C GLU B 228 -27.05 0.02 5.00
N LYS B 229 -27.10 0.93 5.97
CA LYS B 229 -27.08 2.35 5.65
C LYS B 229 -25.70 2.98 5.83
N ALA B 230 -24.73 2.16 6.23
CA ALA B 230 -23.39 2.71 6.50
C ALA B 230 -22.77 3.22 5.20
N LEU B 231 -21.90 4.24 5.32
CA LEU B 231 -21.30 4.89 4.14
C LEU B 231 -19.98 4.27 3.72
N SER B 232 -19.48 3.36 4.54
CA SER B 232 -18.28 2.59 4.23
CA SER B 232 -18.28 2.60 4.22
C SER B 232 -18.39 1.20 4.85
N ASP B 233 -17.88 0.20 4.13
CA ASP B 233 -17.85 -1.18 4.58
C ASP B 233 -19.21 -1.64 5.10
N ALA B 234 -20.30 -1.26 4.43
CA ALA B 234 -21.64 -1.65 4.86
C ALA B 234 -21.85 -3.15 4.98
N SER B 235 -21.23 -3.93 4.09
CA SER B 235 -21.44 -5.38 4.04
CA SER B 235 -21.50 -5.36 4.07
C SER B 235 -20.85 -6.10 5.24
N THR B 236 -19.95 -5.43 5.96
CA THR B 236 -19.31 -6.11 7.09
C THR B 236 -19.42 -5.42 8.44
N GLN B 237 -20.10 -4.29 8.52
N GLN B 237 -20.07 -4.28 8.53
CA GLN B 237 -20.26 -3.72 9.86
CA GLN B 237 -20.23 -3.70 9.87
C GLN B 237 -21.28 -4.56 10.66
C GLN B 237 -21.27 -4.52 10.66
N LEU B 238 -20.98 -4.84 11.92
CA LEU B 238 -21.90 -5.61 12.75
C LEU B 238 -23.05 -4.73 13.27
N PRO B 239 -24.30 -5.22 13.26
CA PRO B 239 -25.36 -4.44 13.92
C PRO B 239 -25.01 -4.20 15.40
N LEU B 240 -25.21 -2.97 15.87
CA LEU B 240 -24.84 -2.59 17.22
C LEU B 240 -25.41 -3.54 18.26
N SER B 241 -26.64 -4.00 18.01
CA SER B 241 -27.39 -4.81 18.97
C SER B 241 -26.77 -6.21 19.16
N GLN B 242 -25.92 -6.64 18.21
CA GLN B 242 -25.26 -7.94 18.30
C GLN B 242 -23.92 -7.90 19.04
N LEU B 243 -23.39 -6.72 19.30
CA LEU B 243 -22.06 -6.63 19.90
C LEU B 243 -21.96 -7.31 21.26
N GLU B 244 -22.94 -7.09 22.14
CA GLU B 244 -22.84 -7.65 23.49
C GLU B 244 -22.67 -9.17 23.45
N GLY B 245 -23.51 -9.82 22.66
CA GLY B 245 -23.52 -11.28 22.59
C GLY B 245 -22.18 -11.81 22.11
N ILE B 246 -21.62 -11.14 21.12
CA ILE B 246 -20.32 -11.59 20.59
C ILE B 246 -19.20 -11.39 21.59
N ILE B 247 -19.23 -10.27 22.32
CA ILE B 247 -18.23 -10.03 23.32
C ILE B 247 -18.29 -11.11 24.41
N GLU B 248 -19.48 -11.39 24.90
CA GLU B 248 -19.61 -12.43 25.93
C GLU B 248 -19.10 -13.78 25.40
N ALA B 249 -19.42 -14.09 24.14
CA ALA B 249 -18.92 -15.33 23.53
C ALA B 249 -17.38 -15.38 23.49
N ILE B 250 -16.76 -14.30 23.02
CA ILE B 250 -15.30 -14.11 23.02
C ILE B 250 -14.73 -14.41 24.38
N LEU B 251 -15.33 -13.83 25.41
CA LEU B 251 -14.75 -13.95 26.75
C LEU B 251 -14.84 -15.38 27.25
N GLU B 252 -15.96 -16.05 26.99
CA GLU B 252 -16.15 -17.45 27.42
C GLU B 252 -15.17 -18.39 26.74
N ILE B 253 -15.05 -18.24 25.41
CA ILE B 253 -14.12 -19.09 24.69
C ILE B 253 -12.66 -18.85 25.10
N ARG B 254 -12.28 -17.59 25.29
CA ARG B 254 -10.95 -17.22 25.78
C ARG B 254 -10.71 -17.82 27.17
N GLU B 255 -11.73 -17.77 28.02
CA GLU B 255 -11.54 -18.27 29.40
C GLU B 255 -11.10 -19.73 29.37
N VAL B 256 -11.75 -20.53 28.51
CA VAL B 256 -11.43 -21.95 28.40
C VAL B 256 -10.17 -22.20 27.59
N ALA B 257 -10.07 -21.58 26.41
CA ALA B 257 -8.96 -21.89 25.52
C ALA B 257 -7.61 -21.40 26.01
N SER B 258 -7.63 -20.35 26.82
CA SER B 258 -6.39 -19.72 27.23
C SER B 258 -5.48 -20.67 27.99
N LYS B 259 -6.04 -21.74 28.56
CA LYS B 259 -5.25 -22.77 29.22
C LYS B 259 -4.19 -23.33 28.27
N TYR B 260 -4.53 -23.30 26.97
CA TYR B 260 -3.71 -23.93 25.95
C TYR B 260 -2.88 -22.99 25.09
N TYR B 261 -2.97 -21.69 25.32
CA TYR B 261 -2.13 -20.74 24.56
C TYR B 261 -0.64 -21.04 24.77
N GLU B 262 0.11 -21.20 23.69
CA GLU B 262 1.50 -21.62 23.81
C GLU B 262 2.33 -20.42 24.24
N THR B 263 3.41 -20.67 24.95
CA THR B 263 4.29 -19.60 25.42
C THR B 263 5.13 -19.00 24.29
N ILE B 264 5.03 -17.67 24.16
CA ILE B 264 5.78 -16.82 23.22
C ILE B 264 5.57 -17.05 21.73
#